data_5VAJ
#
_entry.id   5VAJ
#
_cell.length_a   137.180
_cell.length_b   37.513
_cell.length_c   93.863
_cell.angle_alpha   90.00
_cell.angle_beta   121.65
_cell.angle_gamma   90.00
#
_symmetry.space_group_name_H-M   'C 1 2 1'
#
loop_
_entity.id
_entity.type
_entity.pdbx_description
1 polymer "RNA (5'-R(*GP*AP*CP*AP*CP*CP*UP*GP*AP*(URU)P*C)-3')"
2 polymer "DNA (5'-D(*GP*AP*AP*TP*CP*AP*GP*GP*TP*GP*TP*C)-3')"
3 polymer 'Ribonuclease H'
4 non-polymer GLYCEROL
5 non-polymer 'MAGNESIUM ION'
6 non-polymer 'ACETATE ION'
7 water water
#
loop_
_entity_poly.entity_id
_entity_poly.type
_entity_poly.pdbx_seq_one_letter_code
_entity_poly.pdbx_strand_id
1 'polyribonucleotide' GACACCUGA(URU)C C
2 'polydeoxyribonucleotide' (DG)(DA)(DA)(DT)(DC)(DA)(DG)(DG)(DT)(DG)(DT)(DC) D
3 'polypeptide(L)'
;GSHMAKEEIIWESLSVDVGSQGNPGIVEYKGVDTKTGEVLFEREPIPIGTNNMGEFLAIVHGLRYLKERNSRKPIYSNSQ
TAIKWVKDKKAKSTLVRNEETALIWKLVDEAEEWLNTHTYETPILKWQTDKWGEIKADYGRK
;
A,B
#
loop_
_chem_comp.id
_chem_comp.type
_chem_comp.name
_chem_comp.formula
A RNA linking ADENOSINE-5'-MONOPHOSPHATE 'C10 H14 N5 O7 P'
ACT non-polymer 'ACETATE ION' 'C2 H3 O2 -1'
C RNA linking CYTIDINE-5'-MONOPHOSPHATE 'C9 H14 N3 O8 P'
DA DNA linking 2'-DEOXYADENOSINE-5'-MONOPHOSPHATE 'C10 H14 N5 O6 P'
DC DNA linking 2'-DEOXYCYTIDINE-5'-MONOPHOSPHATE 'C9 H14 N3 O7 P'
DG DNA linking 2'-DEOXYGUANOSINE-5'-MONOPHOSPHATE 'C10 H14 N5 O7 P'
DT DNA linking THYMIDINE-5'-MONOPHOSPHATE 'C10 H15 N2 O8 P'
G RNA linking GUANOSINE-5'-MONOPHOSPHATE 'C10 H14 N5 O8 P'
GOL non-polymer GLYCEROL 'C3 H8 O3'
MG non-polymer 'MAGNESIUM ION' 'Mg 2'
U RNA linking URIDINE-5'-MONOPHOSPHATE 'C9 H13 N2 O9 P'
URU RNA linking '((2S,3S,4R,5R)-5-(2,4-dioxo-3,4-dihydropyrimidin-1(2H)-yl)-3-(2- ((((2R,5R)-5-(2,4-dioxo-3,4-dihydropyrimidin-1(2H)-yl)- 3,4-dihydroxytetrahydrofuran-2-yl)methyl)amino)-2-oxoethyl)-4- hydroxytetrahydrofuran-2-yl)methyl phosphate' 'C20 H26 N5 O14 P'
#
# COMPACT_ATOMS: atom_id res chain seq x y z
P URU A 10 6.35 -10.79 7.47
OP1 URU A 10 6.14 -12.27 7.98
O5' URU A 10 7.89 -10.47 7.10
C5' URU A 10 8.64 -11.44 6.37
C4' URU A 10 9.95 -10.84 6.04
C3' URU A 10 10.74 -10.38 7.27
C6' URU A 10 11.39 -11.46 8.13
C2' URU A 10 11.71 -9.46 6.60
O2' URU A 10 12.72 -10.21 5.86
C1' URU A 10 10.83 -8.73 5.63
O4' URU A 10 9.79 -9.61 5.31
N1 URU A 10 10.35 -7.48 6.20
C6 URU A 10 9.05 -7.34 6.66
C5 URU A 10 8.63 -6.15 7.16
C4 URU A 10 9.47 -5.13 7.23
N3 URU A 10 10.74 -5.22 6.79
C2 URU A 10 11.18 -6.38 6.26
O2 URU A 10 12.35 -6.45 5.88
O4 URU A 10 9.08 -4.06 7.71
OP2 URU A 10 5.72 -9.62 8.28
C URU A 10 11.93 -10.76 9.34
O3 URU A 10 11.15 -10.35 10.15
NZ' URU A 10 13.17 -10.55 9.41
CZ' URU A 10 13.88 -9.80 10.44
CY' URU A 10 14.72 -8.78 9.69
CX' URU A 10 15.48 -7.85 10.64
OX' URU A 10 16.71 -8.41 10.95
CW' URU A 10 15.60 -6.59 9.81
OW' URU A 10 16.70 -6.66 8.84
CV' URU A 10 14.32 -6.54 9.00
OY' URU A 10 13.89 -7.90 8.85
N11 URU A 10 13.23 -5.72 9.59
C16 URU A 10 11.94 -6.19 9.91
C15 URU A 10 11.00 -5.33 10.42
C14 URU A 10 11.27 -4.02 10.46
N13 URU A 10 12.49 -3.52 10.09
C12 URU A 10 13.42 -4.33 9.61
O12 URU A 10 14.51 -3.88 9.26
O14 URU A 10 10.44 -3.18 10.84
N GLU C 8 -14.23 -19.07 9.42
CA GLU C 8 -13.56 -18.24 8.36
C GLU C 8 -12.10 -18.73 8.08
N ILE C 9 -11.32 -18.90 9.14
CA ILE C 9 -10.01 -19.57 9.03
C ILE C 9 -10.23 -21.01 8.65
N ILE C 10 -9.48 -21.52 7.68
CA ILE C 10 -9.47 -22.96 7.46
C ILE C 10 -8.38 -23.59 8.30
N TRP C 11 -8.78 -24.23 9.40
CA TRP C 11 -7.79 -24.71 10.35
C TRP C 11 -7.02 -25.95 9.86
N GLU C 12 -7.60 -26.70 8.94
CA GLU C 12 -6.95 -27.92 8.43
C GLU C 12 -6.09 -27.47 7.24
N SER C 13 -5.00 -26.81 7.55
CA SER C 13 -4.24 -26.12 6.52
C SER C 13 -2.77 -26.12 6.89
N LEU C 14 -1.94 -25.69 5.95
CA LEU C 14 -0.55 -25.54 6.21
C LEU C 14 -0.27 -24.03 6.08
N SER C 15 0.36 -23.44 7.10
CA SER C 15 0.84 -22.04 7.06
C SER C 15 2.39 -21.98 6.89
N VAL C 16 2.84 -21.05 6.05
CA VAL C 16 4.25 -20.87 5.78
C VAL C 16 4.66 -19.40 6.08
N ASP C 17 5.92 -19.22 6.46
CA ASP C 17 6.46 -17.89 6.70
C ASP C 17 7.98 -17.88 6.62
N VAL C 18 8.54 -16.67 6.62
CA VAL C 18 9.96 -16.41 6.37
C VAL C 18 10.55 -15.70 7.54
N GLY C 19 11.79 -15.97 7.80
CA GLY C 19 12.55 -15.21 8.77
C GLY C 19 13.81 -14.72 8.10
N SER C 20 14.43 -13.68 8.65
CA SER C 20 15.68 -13.19 8.12
C SER C 20 16.47 -12.43 9.11
N GLN C 21 17.74 -12.25 8.76
CA GLN C 21 18.61 -11.24 9.36
C GLN C 21 19.15 -10.32 8.26
N GLY C 22 18.62 -9.09 8.23
CA GLY C 22 18.82 -8.21 7.05
C GLY C 22 17.74 -8.51 5.99
N ASN C 23 17.52 -7.54 5.10
CA ASN C 23 16.80 -7.80 3.88
C ASN C 23 17.33 -6.81 2.85
N PRO C 24 18.15 -7.28 1.91
CA PRO C 24 18.59 -8.69 1.76
C PRO C 24 19.47 -9.16 2.89
N GLY C 25 19.46 -10.46 3.19
CA GLY C 25 20.36 -10.97 4.22
C GLY C 25 20.23 -12.44 4.35
N ILE C 26 20.45 -12.95 5.53
CA ILE C 26 20.31 -14.40 5.77
C ILE C 26 18.84 -14.70 5.79
N VAL C 27 18.39 -15.71 5.02
CA VAL C 27 16.97 -16.07 5.03
C VAL C 27 16.66 -17.55 5.36
N GLU C 28 15.53 -17.74 6.01
CA GLU C 28 15.05 -19.07 6.37
C GLU C 28 13.52 -19.05 6.25
N TYR C 29 12.91 -20.23 6.18
CA TYR C 29 11.46 -20.33 6.15
C TYR C 29 11.02 -21.64 6.72
N LYS C 30 9.77 -21.71 7.06
CA LYS C 30 9.19 -22.95 7.62
C LYS C 30 7.72 -23.08 7.31
N GLY C 31 7.22 -24.28 7.53
CA GLY C 31 5.82 -24.58 7.36
C GLY C 31 5.29 -25.25 8.59
N VAL C 32 4.07 -24.89 9.01
CA VAL C 32 3.47 -25.44 10.21
C VAL C 32 2.01 -25.84 9.97
N ASP C 33 1.59 -26.87 10.69
CA ASP C 33 0.19 -27.22 10.78
C ASP C 33 -0.53 -26.04 11.43
N THR C 34 -1.50 -25.51 10.74
CA THR C 34 -2.12 -24.28 11.15
C THR C 34 -2.88 -24.51 12.50
N LYS C 35 -3.44 -25.71 12.69
CA LYS C 35 -4.21 -26.03 13.92
C LYS C 35 -3.34 -26.38 15.13
N THR C 36 -2.32 -27.20 14.94
CA THR C 36 -1.52 -27.75 16.05
C THR C 36 -0.26 -26.99 16.31
N GLY C 37 0.17 -26.15 15.36
CA GLY C 37 1.47 -25.51 15.45
C GLY C 37 2.67 -26.39 15.16
N GLU C 38 2.47 -27.66 14.81
CA GLU C 38 3.61 -28.54 14.63
C GLU C 38 4.41 -28.03 13.44
N VAL C 39 5.73 -28.01 13.57
CA VAL C 39 6.60 -27.63 12.47
C VAL C 39 6.78 -28.81 11.51
N LEU C 40 6.45 -28.60 10.24
CA LEU C 40 6.47 -29.71 9.26
C LEU C 40 7.79 -29.72 8.50
N PHE C 41 8.33 -28.52 8.22
CA PHE C 41 9.61 -28.39 7.56
C PHE C 41 10.21 -27.07 7.93
N GLU C 42 11.54 -27.04 8.03
CA GLU C 42 12.24 -25.81 8.30
C GLU C 42 13.53 -25.78 7.45
N ARG C 43 13.64 -24.75 6.61
CA ARG C 43 14.78 -24.59 5.76
C ARG C 43 15.98 -24.14 6.57
N GLU C 44 17.13 -24.73 6.29
CA GLU C 44 18.42 -24.27 6.83
C GLU C 44 18.72 -22.81 6.32
N PRO C 45 19.17 -21.92 7.23
CA PRO C 45 19.46 -20.55 6.83
C PRO C 45 20.33 -20.43 5.59
N ILE C 46 19.85 -19.63 4.65
CA ILE C 46 20.51 -19.39 3.42
C ILE C 46 21.30 -18.07 3.53
N PRO C 47 22.58 -18.07 3.12
CA PRO C 47 23.47 -16.91 3.48
C PRO C 47 23.06 -15.55 2.92
N ILE C 48 22.56 -15.51 1.69
CA ILE C 48 22.02 -14.26 1.16
C ILE C 48 20.75 -14.54 0.32
N GLY C 49 19.70 -13.74 0.58
CA GLY C 49 18.46 -13.78 -0.18
C GLY C 49 17.57 -12.62 0.21
N THR C 50 16.42 -12.50 -0.44
CA THR C 50 15.48 -11.46 -0.10
C THR C 50 14.33 -12.09 0.65
N ASN C 51 13.57 -11.26 1.34
CA ASN C 51 12.31 -11.68 1.96
C ASN C 51 11.34 -12.39 0.97
N ASN C 52 11.18 -11.81 -0.23
CA ASN C 52 10.22 -12.32 -1.15
C ASN C 52 10.66 -13.61 -1.80
N MET C 53 11.97 -13.77 -1.99
CA MET C 53 12.48 -15.07 -2.41
C MET C 53 12.13 -16.18 -1.37
N GLY C 54 12.36 -15.88 -0.10
CA GLY C 54 11.97 -16.76 0.99
C GLY C 54 10.48 -17.09 1.01
N GLU C 55 9.65 -16.08 0.87
CA GLU C 55 8.16 -16.27 0.91
C GLU C 55 7.70 -17.18 -0.24
N PHE C 56 8.32 -16.99 -1.38
CA PHE C 56 8.07 -17.79 -2.57
C PHE C 56 8.50 -19.22 -2.35
N LEU C 57 9.76 -19.40 -1.91
CA LEU C 57 10.27 -20.74 -1.64
C LEU C 57 9.39 -21.48 -0.61
N ALA C 58 8.96 -20.78 0.42
CA ALA C 58 8.14 -21.38 1.47
C ALA C 58 6.84 -21.95 0.91
N ILE C 59 6.16 -21.17 0.09
CA ILE C 59 4.97 -21.66 -0.57
C ILE C 59 5.22 -22.92 -1.46
N VAL C 60 6.22 -22.86 -2.31
CA VAL C 60 6.49 -23.96 -3.23
C VAL C 60 6.90 -25.22 -2.42
N HIS C 61 7.66 -25.01 -1.33
CA HIS C 61 8.01 -26.12 -0.45
C HIS C 61 6.75 -26.75 0.12
N GLY C 62 5.84 -25.92 0.56
CA GLY C 62 4.56 -26.40 1.02
C GLY C 62 3.79 -27.17 -0.06
N LEU C 63 3.79 -26.64 -1.27
CA LEU C 63 3.14 -27.35 -2.40
C LEU C 63 3.74 -28.74 -2.64
N ARG C 64 5.06 -28.82 -2.61
CA ARG C 64 5.72 -30.09 -2.80
C ARG C 64 5.37 -31.07 -1.66
N TYR C 65 5.38 -30.54 -0.45
CA TYR C 65 5.06 -31.33 0.74
C TYR C 65 3.61 -31.98 0.65
N LEU C 66 2.65 -31.15 0.28
CA LEU C 66 1.30 -31.60 0.17
C LEU C 66 1.08 -32.52 -1.05
N LYS C 67 1.76 -32.26 -2.17
CA LYS C 67 1.63 -33.07 -3.37
C LYS C 67 2.07 -34.52 -3.07
N GLU C 68 3.21 -34.66 -2.35
CA GLU C 68 3.76 -36.00 -2.03
C GLU C 68 2.72 -36.82 -1.25
N ARG C 69 1.87 -36.12 -0.49
CA ARG C 69 0.86 -36.71 0.33
C ARG C 69 -0.53 -36.80 -0.35
N ASN C 70 -0.62 -36.35 -1.61
CA ASN C 70 -1.92 -36.17 -2.28
C ASN C 70 -2.93 -35.47 -1.35
N SER C 71 -2.48 -34.44 -0.61
CA SER C 71 -3.34 -33.73 0.30
C SER C 71 -4.07 -32.56 -0.41
N ARG C 72 -5.29 -32.30 0.03
CA ARG C 72 -6.18 -31.30 -0.55
C ARG C 72 -6.22 -30.07 0.37
N LYS C 73 -5.42 -30.06 1.42
CA LYS C 73 -5.42 -28.94 2.36
C LYS C 73 -4.86 -27.70 1.68
N PRO C 74 -5.34 -26.51 2.09
CA PRO C 74 -4.79 -25.26 1.55
C PRO C 74 -3.51 -24.84 2.21
N ILE C 75 -2.81 -23.91 1.56
CA ILE C 75 -1.68 -23.25 2.14
C ILE C 75 -2.04 -21.79 2.39
N TYR C 76 -1.69 -21.30 3.57
CA TYR C 76 -1.74 -19.86 3.91
C TYR C 76 -0.35 -19.24 3.84
N SER C 77 -0.29 -18.01 3.28
CA SER C 77 0.88 -17.16 3.29
C SER C 77 0.39 -15.75 3.55
N ASN C 78 1.20 -14.92 4.17
CA ASN C 78 0.87 -13.49 4.22
C ASN C 78 1.46 -12.66 3.12
N SER C 79 2.19 -13.31 2.18
CA SER C 79 2.89 -12.57 1.13
C SER C 79 2.09 -12.41 -0.11
N GLN C 80 1.48 -11.22 -0.29
CA GLN C 80 0.87 -10.85 -1.56
C GLN C 80 1.83 -11.07 -2.79
N THR C 81 3.07 -10.62 -2.66
CA THR C 81 4.09 -10.82 -3.71
C THR C 81 4.29 -12.29 -4.08
N ALA C 82 4.51 -13.12 -3.06
CA ALA C 82 4.86 -14.53 -3.30
C ALA C 82 3.70 -15.29 -3.87
N ILE C 83 2.50 -15.00 -3.38
CA ILE C 83 1.31 -15.60 -3.94
C ILE C 83 1.16 -15.34 -5.42
N LYS C 84 1.41 -14.10 -5.84
CA LYS C 84 1.38 -13.76 -7.23
C LYS C 84 2.49 -14.53 -8.00
N TRP C 85 3.70 -14.55 -7.44
CA TRP C 85 4.82 -15.18 -8.14
C TRP C 85 4.56 -16.69 -8.39
N VAL C 86 3.99 -17.35 -7.40
CA VAL C 86 3.66 -18.75 -7.55
C VAL C 86 2.58 -18.93 -8.62
N LYS C 87 1.55 -18.09 -8.60
CA LYS C 87 0.50 -18.19 -9.67
C LYS C 87 1.08 -17.93 -11.08
N ASP C 88 2.05 -17.04 -11.19
CA ASP C 88 2.72 -16.75 -12.46
C ASP C 88 3.77 -17.79 -12.83
N LYS C 89 4.16 -18.60 -11.84
CA LYS C 89 5.32 -19.49 -11.93
C LYS C 89 6.60 -18.75 -12.20
N LYS C 90 6.73 -17.57 -11.66
CA LYS C 90 7.89 -16.75 -11.93
C LYS C 90 8.16 -15.80 -10.79
N ALA C 91 9.34 -15.91 -10.19
CA ALA C 91 9.73 -15.10 -9.07
C ALA C 91 10.56 -13.90 -9.56
N LYS C 92 9.96 -12.72 -9.63
CA LYS C 92 10.61 -11.54 -10.22
C LYS C 92 11.40 -10.75 -9.24
N SER C 93 12.44 -11.39 -8.70
CA SER C 93 13.30 -10.80 -7.70
C SER C 93 14.34 -9.94 -8.35
N THR C 94 14.72 -8.88 -7.63
CA THR C 94 15.75 -7.91 -8.09
C THR C 94 17.11 -8.30 -7.62
N LEU C 95 17.25 -9.40 -6.86
CA LEU C 95 18.52 -9.75 -6.30
C LEU C 95 19.52 -10.12 -7.43
N VAL C 96 20.72 -9.61 -7.31
CA VAL C 96 21.83 -9.94 -8.16
C VAL C 96 22.09 -11.46 -8.16
N ARG C 97 22.45 -11.99 -9.34
CA ARG C 97 22.72 -13.40 -9.54
C ARG C 97 24.23 -13.62 -9.83
N ASN C 98 24.93 -14.12 -8.84
CA ASN C 98 26.37 -14.40 -8.97
C ASN C 98 26.76 -15.46 -7.95
N GLU C 99 28.06 -15.66 -7.79
CA GLU C 99 28.53 -16.74 -6.94
C GLU C 99 28.10 -16.56 -5.48
N GLU C 100 27.95 -15.32 -5.05
CA GLU C 100 27.54 -15.06 -3.68
C GLU C 100 26.07 -15.41 -3.43
N THR C 101 25.24 -15.30 -4.47
CA THR C 101 23.81 -15.54 -4.34
C THR C 101 23.40 -16.83 -5.05
N ALA C 102 24.37 -17.71 -5.30
CA ALA C 102 24.13 -18.88 -6.08
C ALA C 102 23.10 -19.82 -5.43
N LEU C 103 23.17 -19.99 -4.10
CA LEU C 103 22.33 -20.96 -3.42
C LEU C 103 20.85 -20.54 -3.51
N ILE C 104 20.53 -19.29 -3.12
CA ILE C 104 19.09 -18.90 -3.15
C ILE C 104 18.57 -18.97 -4.63
N TRP C 105 19.39 -18.59 -5.60
CA TRP C 105 18.91 -18.56 -6.98
C TRP C 105 18.80 -19.99 -7.51
N LYS C 106 19.65 -20.91 -7.04
CA LYS C 106 19.47 -22.33 -7.45
C LYS C 106 18.12 -22.84 -6.88
N LEU C 107 17.82 -22.50 -5.63
CA LEU C 107 16.57 -22.91 -5.01
C LEU C 107 15.31 -22.32 -5.74
N VAL C 108 15.37 -21.01 -6.05
CA VAL C 108 14.28 -20.34 -6.78
C VAL C 108 14.10 -20.95 -8.17
N ASP C 109 15.21 -21.11 -8.89
CA ASP C 109 15.21 -21.75 -10.22
C ASP C 109 14.57 -23.13 -10.17
N GLU C 110 14.91 -23.93 -9.15
CA GLU C 110 14.33 -25.29 -9.00
C GLU C 110 12.84 -25.25 -8.61
N ALA C 111 12.46 -24.27 -7.80
CA ALA C 111 11.06 -24.11 -7.41
C ALA C 111 10.19 -23.81 -8.65
N GLU C 112 10.69 -22.87 -9.48
CA GLU C 112 10.03 -22.53 -10.76
C GLU C 112 9.90 -23.77 -11.66
N GLU C 113 10.96 -24.54 -11.73
CA GLU C 113 10.98 -25.73 -12.56
C GLU C 113 9.96 -26.75 -12.06
N TRP C 114 9.86 -26.89 -10.75
CA TRP C 114 8.89 -27.78 -10.15
C TRP C 114 7.46 -27.33 -10.54
N LEU C 115 7.17 -26.03 -10.40
CA LEU C 115 5.85 -25.51 -10.78
C LEU C 115 5.53 -25.80 -12.28
N ASN C 116 6.55 -25.75 -13.10
CA ASN C 116 6.39 -25.95 -14.60
C ASN C 116 6.42 -27.41 -15.02
N THR C 117 6.52 -28.31 -14.03
CA THR C 117 6.58 -29.74 -14.32
C THR C 117 5.58 -30.60 -13.53
N HIS C 118 4.71 -29.98 -12.74
CA HIS C 118 3.75 -30.67 -11.89
C HIS C 118 2.41 -30.01 -11.93
N THR C 119 1.39 -30.80 -11.69
CA THR C 119 0.04 -30.27 -11.35
C THR C 119 -0.22 -30.30 -9.87
N TYR C 120 -1.08 -29.42 -9.42
CA TYR C 120 -1.51 -29.43 -8.03
C TYR C 120 -2.90 -28.74 -7.94
N GLU C 121 -3.68 -29.10 -6.94
CA GLU C 121 -5.00 -28.48 -6.72
C GLU C 121 -5.04 -27.59 -5.43
N THR C 122 -3.96 -27.58 -4.68
CA THR C 122 -3.86 -26.83 -3.42
C THR C 122 -4.33 -25.38 -3.57
N PRO C 123 -5.34 -24.97 -2.81
CA PRO C 123 -5.61 -23.55 -2.80
C PRO C 123 -4.53 -22.77 -2.05
N ILE C 124 -4.08 -21.66 -2.64
CA ILE C 124 -3.11 -20.83 -1.99
C ILE C 124 -3.82 -19.55 -1.48
N LEU C 125 -3.95 -19.45 -0.17
CA LEU C 125 -4.79 -18.42 0.43
C LEU C 125 -4.01 -17.33 1.12
N LYS C 126 -4.54 -16.14 1.02
CA LYS C 126 -4.00 -15.00 1.71
C LYS C 126 -4.39 -15.09 3.22
N TRP C 127 -3.40 -15.16 4.12
CA TRP C 127 -3.66 -15.07 5.51
C TRP C 127 -4.02 -13.60 5.89
N GLN C 128 -5.18 -13.42 6.55
CA GLN C 128 -5.75 -12.05 6.78
C GLN C 128 -5.28 -11.51 8.08
N THR C 129 -4.06 -10.99 8.07
CA THR C 129 -3.32 -10.62 9.25
C THR C 129 -4.10 -9.53 10.03
N ASP C 130 -4.79 -8.66 9.30
CA ASP C 130 -5.53 -7.53 9.92
C ASP C 130 -6.64 -8.05 10.82
N LYS C 131 -7.41 -9.01 10.30
CA LYS C 131 -8.54 -9.62 11.02
C LYS C 131 -8.05 -10.65 12.04
N TRP C 132 -7.06 -11.49 11.66
CA TRP C 132 -6.75 -12.71 12.41
C TRP C 132 -5.50 -12.64 13.23
N GLY C 133 -4.74 -11.55 13.18
CA GLY C 133 -3.43 -11.53 13.89
C GLY C 133 -2.36 -12.25 13.06
N GLU C 134 -1.21 -12.53 13.66
CA GLU C 134 -0.02 -12.93 12.90
C GLU C 134 -0.16 -14.35 12.44
N ILE C 135 0.35 -14.63 11.26
CA ILE C 135 0.30 -15.98 10.72
C ILE C 135 0.94 -16.98 11.69
N LYS C 136 0.42 -18.20 11.71
CA LYS C 136 0.88 -19.23 12.72
C LYS C 136 2.32 -19.65 12.55
N ALA C 137 2.89 -19.49 11.36
CA ALA C 137 4.30 -19.87 11.07
C ALA C 137 5.28 -18.76 11.39
N ASP C 138 4.78 -17.65 11.94
CA ASP C 138 5.61 -16.47 12.24
C ASP C 138 6.89 -16.79 13.02
N TYR C 139 7.98 -16.16 12.62
CA TYR C 139 9.17 -16.16 13.42
C TYR C 139 9.03 -14.95 14.32
N GLY C 140 9.33 -15.12 15.57
CA GLY C 140 8.90 -14.15 16.54
C GLY C 140 9.72 -12.87 16.45
N ARG C 141 10.03 -12.33 17.61
CA ARG C 141 10.90 -11.19 17.79
C ARG C 141 12.22 -11.78 18.23
N LYS C 142 13.32 -11.18 17.79
CA LYS C 142 14.68 -11.60 18.09
C LYS C 142 15.17 -11.22 19.47
N ALA D 5 17.35 28.94 -6.13
CA ALA D 5 18.04 27.84 -5.37
C ALA D 5 17.66 27.81 -3.87
N LYS D 6 17.20 28.93 -3.32
CA LYS D 6 16.85 28.98 -1.90
C LYS D 6 15.35 29.23 -1.66
N GLU D 7 14.52 28.67 -2.50
CA GLU D 7 13.09 28.63 -2.19
C GLU D 7 12.88 27.87 -0.87
N GLU D 8 12.11 28.48 0.00
CA GLU D 8 11.95 28.04 1.37
C GLU D 8 10.47 27.98 1.72
N ILE D 9 10.13 27.15 2.69
CA ILE D 9 8.76 26.99 3.13
C ILE D 9 8.26 28.35 3.67
N ILE D 10 7.09 28.78 3.19
CA ILE D 10 6.35 29.88 3.79
C ILE D 10 5.55 29.34 4.96
N TRP D 11 5.99 29.65 6.18
CA TRP D 11 5.43 28.99 7.36
C TRP D 11 4.03 29.47 7.69
N GLU D 12 3.75 30.72 7.36
CA GLU D 12 2.42 31.32 7.54
C GLU D 12 1.51 30.89 6.42
N SER D 13 1.14 29.62 6.42
CA SER D 13 0.39 29.06 5.36
C SER D 13 -0.52 27.94 5.87
N LEU D 14 -1.38 27.47 4.96
CA LEU D 14 -2.14 26.28 5.17
C LEU D 14 -1.65 25.20 4.26
N SER D 15 -1.46 23.99 4.81
CA SER D 15 -1.06 22.80 3.97
C SER D 15 -2.19 21.80 3.95
N VAL D 16 -2.50 21.25 2.77
CA VAL D 16 -3.55 20.28 2.68
C VAL D 16 -3.01 18.95 2.21
N ASP D 17 -3.70 17.87 2.57
CA ASP D 17 -3.34 16.53 2.05
C ASP D 17 -4.48 15.57 2.09
N VAL D 18 -4.36 14.56 1.26
CA VAL D 18 -5.28 13.47 1.23
C VAL D 18 -4.63 12.23 1.88
N GLY D 19 -5.47 11.38 2.46
CA GLY D 19 -5.12 10.03 2.85
C GLY D 19 -6.18 9.05 2.35
N SER D 20 -5.75 7.85 1.98
CA SER D 20 -6.69 6.87 1.49
C SER D 20 -6.37 5.45 2.00
N GLN D 21 -7.34 4.57 1.86
CA GLN D 21 -7.13 3.08 1.92
C GLN D 21 -7.61 2.51 0.63
N GLY D 22 -6.68 2.14 -0.25
CA GLY D 22 -6.99 1.89 -1.61
C GLY D 22 -7.04 3.16 -2.44
N ASN D 23 -6.98 2.98 -3.73
CA ASN D 23 -7.18 4.09 -4.69
C ASN D 23 -7.65 3.47 -6.02
N PRO D 24 -8.95 3.51 -6.33
CA PRO D 24 -9.96 4.16 -5.48
C PRO D 24 -10.22 3.38 -4.19
N GLY D 25 -10.60 4.09 -3.14
CA GLY D 25 -10.94 3.47 -1.87
C GLY D 25 -11.44 4.52 -0.89
N ILE D 26 -11.23 4.27 0.39
CA ILE D 26 -11.75 5.18 1.39
C ILE D 26 -10.86 6.42 1.37
N VAL D 27 -11.45 7.64 1.26
CA VAL D 27 -10.67 8.85 1.15
C VAL D 27 -11.01 9.84 2.27
N GLU D 28 -9.98 10.45 2.82
CA GLU D 28 -10.17 11.57 3.74
C GLU D 28 -9.14 12.65 3.43
N TYR D 29 -9.38 13.84 3.95
CA TYR D 29 -8.42 14.92 3.77
C TYR D 29 -8.45 15.86 4.97
N LYS D 30 -7.39 16.63 5.12
CA LYS D 30 -7.31 17.64 6.14
C LYS D 30 -6.46 18.83 5.71
N GLY D 31 -6.69 19.94 6.41
CA GLY D 31 -5.95 21.15 6.22
C GLY D 31 -5.36 21.52 7.54
N VAL D 32 -4.07 21.79 7.55
CA VAL D 32 -3.33 22.10 8.76
C VAL D 32 -2.56 23.43 8.68
N ASP D 33 -2.33 24.01 9.85
CA ASP D 33 -1.46 25.15 9.98
C ASP D 33 0.01 24.64 9.69
N THR D 34 0.63 25.15 8.66
CA THR D 34 1.92 24.61 8.23
C THR D 34 2.97 24.76 9.38
N LYS D 35 2.86 25.86 10.12
CA LYS D 35 3.81 26.17 11.20
C LYS D 35 3.64 25.24 12.44
N THR D 36 2.40 25.02 12.88
CA THR D 36 2.15 24.26 14.14
C THR D 36 1.66 22.84 13.93
N GLY D 37 1.23 22.50 12.72
CA GLY D 37 0.63 21.19 12.48
C GLY D 37 -0.80 21.03 13.06
N GLU D 38 -1.37 22.12 13.58
CA GLU D 38 -2.74 22.11 14.10
C GLU D 38 -3.71 21.91 12.97
N VAL D 39 -4.67 20.99 13.20
CA VAL D 39 -5.71 20.70 12.22
C VAL D 39 -6.75 21.81 12.22
N LEU D 40 -6.96 22.43 11.05
CA LEU D 40 -7.92 23.49 10.89
C LEU D 40 -9.24 23.02 10.32
N PHE D 41 -9.19 22.02 9.45
CA PHE D 41 -10.38 21.47 8.88
C PHE D 41 -10.12 20.05 8.41
N GLU D 42 -11.19 19.26 8.40
CA GLU D 42 -11.15 17.91 7.90
C GLU D 42 -12.53 17.45 7.51
N ARG D 43 -12.56 16.39 6.73
CA ARG D 43 -13.79 15.72 6.45
C ARG D 43 -13.68 14.32 6.91
N GLU D 44 -14.72 13.89 7.56
CA GLU D 44 -15.07 12.52 7.76
C GLU D 44 -14.74 11.64 6.53
N PRO D 45 -14.21 10.44 6.76
CA PRO D 45 -13.82 9.57 5.64
C PRO D 45 -14.95 9.31 4.68
N ILE D 46 -14.64 9.30 3.40
CA ILE D 46 -15.62 9.13 2.36
C ILE D 46 -15.43 7.68 1.83
N PRO D 47 -16.54 6.87 1.82
CA PRO D 47 -16.37 5.41 1.55
C PRO D 47 -15.61 5.10 0.29
N ILE D 48 -15.88 5.81 -0.81
CA ILE D 48 -15.16 5.56 -2.07
C ILE D 48 -14.80 6.88 -2.76
N GLY D 49 -13.54 7.01 -3.17
CA GLY D 49 -13.11 8.17 -3.95
C GLY D 49 -11.71 7.90 -4.44
N THR D 50 -11.12 8.88 -5.16
CA THR D 50 -9.74 8.76 -5.62
C THR D 50 -8.86 9.75 -4.93
N ASN D 51 -7.56 9.49 -4.98
CA ASN D 51 -6.57 10.40 -4.43
C ASN D 51 -6.75 11.81 -5.01
N ASN D 52 -6.92 11.91 -6.31
CA ASN D 52 -6.95 13.21 -6.96
C ASN D 52 -8.22 13.99 -6.63
N MET D 53 -9.33 13.30 -6.55
CA MET D 53 -10.58 13.92 -6.08
C MET D 53 -10.43 14.49 -4.69
N GLY D 54 -9.86 13.68 -3.79
CA GLY D 54 -9.55 14.12 -2.44
C GLY D 54 -8.66 15.36 -2.36
N GLU D 55 -7.58 15.34 -3.12
CA GLU D 55 -6.62 16.46 -3.13
C GLU D 55 -7.33 17.75 -3.60
N PHE D 56 -8.20 17.59 -4.58
CA PHE D 56 -8.95 18.68 -5.16
C PHE D 56 -9.95 19.25 -4.15
N LEU D 57 -10.73 18.38 -3.52
CA LEU D 57 -11.62 18.82 -2.47
C LEU D 57 -10.86 19.57 -1.36
N ALA D 58 -9.70 19.06 -0.98
CA ALA D 58 -8.97 19.69 0.14
C ALA D 58 -8.53 21.12 -0.21
N ILE D 59 -8.07 21.34 -1.43
CA ILE D 59 -7.71 22.71 -1.82
C ILE D 59 -8.93 23.62 -1.83
N VAL D 60 -10.04 23.19 -2.47
CA VAL D 60 -11.25 24.04 -2.50
C VAL D 60 -11.79 24.34 -1.13
N HIS D 61 -11.85 23.32 -0.25
CA HIS D 61 -12.24 23.53 1.11
C HIS D 61 -11.33 24.61 1.75
N GLY D 62 -10.03 24.51 1.49
CA GLY D 62 -9.09 25.51 2.01
C GLY D 62 -9.37 26.92 1.53
N LEU D 63 -9.71 27.05 0.25
CA LEU D 63 -10.08 28.35 -0.33
C LEU D 63 -11.27 28.96 0.38
N ARG D 64 -12.29 28.14 0.63
CA ARG D 64 -13.54 28.60 1.31
C ARG D 64 -13.26 28.98 2.75
N TYR D 65 -12.48 28.14 3.42
CA TYR D 65 -12.05 28.37 4.80
C TYR D 65 -11.33 29.74 4.98
N LEU D 66 -10.33 30.00 4.12
CA LEU D 66 -9.50 31.22 4.23
C LEU D 66 -10.29 32.44 3.78
N LYS D 67 -11.11 32.26 2.74
CA LYS D 67 -11.96 33.34 2.27
C LYS D 67 -12.86 33.80 3.40
N GLU D 68 -13.47 32.87 4.12
CA GLU D 68 -14.42 33.25 5.19
C GLU D 68 -13.73 33.97 6.35
N ARG D 69 -12.45 33.70 6.53
CA ARG D 69 -11.66 34.35 7.58
C ARG D 69 -10.87 35.55 7.09
N ASN D 70 -11.10 36.00 5.85
CA ASN D 70 -10.41 37.13 5.25
C ASN D 70 -8.88 36.97 5.31
N SER D 71 -8.40 35.72 5.16
CA SER D 71 -6.96 35.43 5.33
C SER D 71 -6.21 35.60 4.03
N ARG D 72 -4.98 36.08 4.14
CA ARG D 72 -4.08 36.22 2.98
C ARG D 72 -3.12 35.01 2.83
N LYS D 73 -3.16 34.06 3.76
CA LYS D 73 -2.22 32.93 3.75
C LYS D 73 -2.36 32.13 2.46
N PRO D 74 -1.25 31.66 1.91
CA PRO D 74 -1.27 30.74 0.79
C PRO D 74 -1.60 29.33 1.21
N ILE D 75 -2.03 28.52 0.25
CA ILE D 75 -2.28 27.09 0.50
C ILE D 75 -1.22 26.32 -0.26
N TYR D 76 -0.66 25.30 0.38
CA TYR D 76 0.25 24.36 -0.23
C TYR D 76 -0.44 23.02 -0.47
N SER D 77 -0.20 22.44 -1.65
CA SER D 77 -0.57 21.08 -1.96
C SER D 77 0.61 20.45 -2.68
N ASN D 78 0.77 19.15 -2.57
CA ASN D 78 1.79 18.47 -3.38
C ASN D 78 1.25 17.87 -4.73
N SER D 79 -0.01 18.15 -5.04
CA SER D 79 -0.72 17.48 -6.15
C SER D 79 -0.76 18.37 -7.36
N GLN D 80 0.07 18.04 -8.36
CA GLN D 80 0.04 18.79 -9.62
C GLN D 80 -1.37 18.67 -10.31
N THR D 81 -1.95 17.47 -10.26
CA THR D 81 -3.31 17.26 -10.75
C THR D 81 -4.35 18.18 -10.10
N ALA D 82 -4.43 18.19 -8.76
CA ALA D 82 -5.48 18.95 -8.06
C ALA D 82 -5.30 20.44 -8.27
N ILE D 83 -4.06 20.87 -8.31
CA ILE D 83 -3.78 22.27 -8.52
C ILE D 83 -4.29 22.69 -9.90
N LYS D 84 -4.01 21.88 -10.89
CA LYS D 84 -4.48 22.14 -12.26
C LYS D 84 -6.03 22.15 -12.32
N TRP D 85 -6.67 21.15 -11.68
CA TRP D 85 -8.15 21.08 -11.65
C TRP D 85 -8.80 22.34 -11.01
N VAL D 86 -8.19 22.83 -9.94
CA VAL D 86 -8.69 24.01 -9.28
C VAL D 86 -8.55 25.25 -10.19
N LYS D 87 -7.38 25.43 -10.81
CA LYS D 87 -7.18 26.53 -11.76
C LYS D 87 -8.07 26.42 -13.01
N ASP D 88 -8.29 25.20 -13.50
CA ASP D 88 -9.22 25.00 -14.61
C ASP D 88 -10.68 25.14 -14.21
N LYS D 89 -10.95 25.16 -12.89
CA LYS D 89 -12.28 24.99 -12.33
C LYS D 89 -13.04 23.79 -12.84
N LYS D 90 -12.34 22.69 -13.07
CA LYS D 90 -12.95 21.46 -13.52
C LYS D 90 -12.11 20.27 -13.11
N ALA D 91 -12.71 19.35 -12.37
CA ALA D 91 -12.09 18.06 -12.10
C ALA D 91 -12.33 17.05 -13.24
N LYS D 92 -11.26 16.46 -13.73
CA LYS D 92 -11.32 15.50 -14.83
C LYS D 92 -11.04 14.12 -14.31
N SER D 93 -11.88 13.68 -13.36
CA SER D 93 -11.75 12.31 -12.78
C SER D 93 -12.33 11.27 -13.68
N THR D 94 -11.77 10.06 -13.63
CA THR D 94 -12.26 8.89 -14.33
C THR D 94 -13.15 8.03 -13.48
N LEU D 95 -13.34 8.38 -12.22
CA LEU D 95 -14.10 7.52 -11.34
C LEU D 95 -15.56 7.38 -11.84
N VAL D 96 -16.05 6.14 -11.82
CA VAL D 96 -17.40 5.88 -12.25
C VAL D 96 -18.35 6.60 -11.33
N ARG D 97 -19.46 7.04 -11.89
CA ARG D 97 -20.48 7.77 -11.18
C ARG D 97 -21.64 6.83 -11.01
N ASN D 98 -21.86 6.34 -9.78
CA ASN D 98 -22.98 5.44 -9.45
C ASN D 98 -23.42 5.64 -8.00
N GLU D 99 -24.31 4.77 -7.49
CA GLU D 99 -24.82 4.91 -6.10
C GLU D 99 -23.68 4.81 -5.09
N GLU D 100 -22.64 4.03 -5.43
CA GLU D 100 -21.48 3.81 -4.54
C GLU D 100 -20.62 5.08 -4.40
N THR D 101 -20.46 5.80 -5.51
CA THR D 101 -19.55 6.96 -5.54
C THR D 101 -20.34 8.27 -5.53
N ALA D 102 -21.61 8.21 -5.14
CA ALA D 102 -22.46 9.41 -5.14
C ALA D 102 -21.92 10.50 -4.19
N LEU D 103 -21.43 10.13 -3.01
CA LEU D 103 -21.01 11.16 -2.02
C LEU D 103 -19.84 12.01 -2.59
N ILE D 104 -18.76 11.33 -3.02
CA ILE D 104 -17.55 12.01 -3.50
C ILE D 104 -17.87 12.85 -4.72
N TRP D 105 -18.70 12.33 -5.63
CA TRP D 105 -19.11 13.08 -6.80
C TRP D 105 -20.01 14.29 -6.46
N LYS D 106 -20.88 14.13 -5.49
CA LYS D 106 -21.64 15.30 -4.97
C LYS D 106 -20.66 16.40 -4.50
N LEU D 107 -19.66 16.00 -3.73
CA LEU D 107 -18.68 16.94 -3.20
C LEU D 107 -17.88 17.60 -4.30
N VAL D 108 -17.46 16.84 -5.29
CA VAL D 108 -16.72 17.40 -6.42
C VAL D 108 -17.60 18.40 -7.24
N ASP D 109 -18.85 18.01 -7.53
CA ASP D 109 -19.82 18.92 -8.18
C ASP D 109 -19.95 20.22 -7.39
N GLU D 110 -20.06 20.12 -6.07
CA GLU D 110 -20.21 21.30 -5.22
C GLU D 110 -18.96 22.20 -5.25
N ALA D 111 -17.80 21.57 -5.25
CA ALA D 111 -16.52 22.30 -5.25
C ALA D 111 -16.36 23.07 -6.58
N GLU D 112 -16.67 22.42 -7.70
CA GLU D 112 -16.67 23.09 -9.02
C GLU D 112 -17.65 24.26 -9.08
N GLU D 113 -18.85 24.03 -8.56
CA GLU D 113 -19.89 25.03 -8.50
C GLU D 113 -19.39 26.27 -7.71
N TRP D 114 -18.82 26.04 -6.55
CA TRP D 114 -18.21 27.12 -5.79
C TRP D 114 -17.11 27.88 -6.59
N LEU D 115 -16.19 27.15 -7.18
CA LEU D 115 -15.09 27.79 -7.97
C LEU D 115 -15.68 28.68 -9.11
N ASN D 116 -16.72 28.18 -9.78
CA ASN D 116 -17.25 28.85 -10.94
C ASN D 116 -18.08 30.08 -10.58
N THR D 117 -18.33 30.28 -9.28
CA THR D 117 -19.18 31.34 -8.83
C THR D 117 -18.59 32.23 -7.77
N HIS D 118 -17.28 32.12 -7.51
CA HIS D 118 -16.65 32.95 -6.48
C HIS D 118 -15.27 33.43 -6.94
N THR D 119 -14.79 34.48 -6.31
CA THR D 119 -13.40 34.90 -6.48
C THR D 119 -12.61 34.57 -5.22
N TYR D 120 -11.29 34.54 -5.35
CA TYR D 120 -10.46 34.31 -4.21
C TYR D 120 -9.07 34.88 -4.45
N GLU D 121 -8.40 35.27 -3.38
CA GLU D 121 -7.07 35.90 -3.47
C GLU D 121 -5.94 34.92 -3.11
N THR D 122 -6.28 33.83 -2.45
CA THR D 122 -5.29 32.82 -1.97
C THR D 122 -4.38 32.31 -3.04
N PRO D 123 -3.06 32.52 -2.87
CA PRO D 123 -2.09 31.84 -3.78
C PRO D 123 -2.10 30.32 -3.55
N ILE D 124 -2.18 29.53 -4.60
CA ILE D 124 -2.18 28.08 -4.48
C ILE D 124 -0.79 27.59 -4.95
N LEU D 125 0.01 27.04 -4.02
CA LEU D 125 1.46 26.78 -4.26
C LEU D 125 1.73 25.32 -4.27
N LYS D 126 2.59 24.88 -5.19
CA LYS D 126 3.08 23.52 -5.21
C LYS D 126 4.07 23.29 -4.05
N TRP D 127 3.75 22.33 -3.17
CA TRP D 127 4.70 21.93 -2.14
C TRP D 127 5.93 21.27 -2.82
N GLN D 128 7.14 21.77 -2.51
CA GLN D 128 8.41 21.29 -3.17
C GLN D 128 9.05 20.16 -2.42
N THR D 129 8.46 18.99 -2.58
CA THR D 129 8.79 17.81 -1.87
C THR D 129 10.28 17.47 -2.04
N ASP D 130 10.77 17.65 -3.25
CA ASP D 130 12.16 17.36 -3.55
C ASP D 130 13.15 18.29 -2.75
N LYS D 131 12.73 19.52 -2.47
CA LYS D 131 13.54 20.45 -1.71
C LYS D 131 13.35 20.41 -0.21
N TRP D 132 12.13 20.08 0.24
CA TRP D 132 11.72 20.35 1.60
C TRP D 132 11.37 19.09 2.37
N GLY D 133 11.26 17.96 1.69
CA GLY D 133 10.67 16.74 2.29
C GLY D 133 9.13 16.70 2.20
N GLU D 134 8.50 15.74 2.91
CA GLU D 134 7.03 15.52 2.86
C GLU D 134 6.27 16.70 3.36
N ILE D 135 5.12 16.92 2.75
CA ILE D 135 4.18 17.96 3.19
C ILE D 135 3.69 17.73 4.64
N LYS D 136 3.44 18.83 5.34
CA LYS D 136 3.14 18.82 6.80
C LYS D 136 1.77 18.17 7.12
N ALA D 137 0.83 18.25 6.19
CA ALA D 137 -0.52 17.62 6.37
C ALA D 137 -0.55 16.10 6.07
N ASP D 138 0.63 15.49 5.88
CA ASP D 138 0.73 14.11 5.45
C ASP D 138 0.12 13.13 6.48
N TYR D 139 -0.58 12.09 5.99
CA TYR D 139 -1.18 11.09 6.86
C TYR D 139 -0.17 10.04 7.34
N GLY D 140 0.73 9.62 6.44
CA GLY D 140 1.82 8.70 6.82
C GLY D 140 1.33 7.29 7.15
C1 GOL E . 1.35 -4.37 6.03
O1 GOL E . 2.00 -5.42 5.32
C2 GOL E . 2.13 -3.11 5.75
O2 GOL E . 1.40 -1.95 6.15
C3 GOL E . 3.46 -3.19 6.49
O3 GOL E . 4.47 -2.67 5.63
C1 GOL F . 6.07 1.59 -6.72
O1 GOL F . 5.77 2.79 -5.97
C2 GOL F . 5.01 1.49 -7.83
O2 GOL F . 4.72 0.13 -8.17
C3 GOL F . 5.41 2.32 -9.06
O3 GOL F . 4.18 2.89 -9.64
C1 GOL G . 25.25 -17.87 -12.03
O1 GOL G . 25.90 -18.83 -12.92
C2 GOL G . 25.82 -17.88 -10.59
O2 GOL G . 24.78 -18.18 -9.65
C3 GOL G . 26.95 -18.88 -10.40
O3 GOL G . 26.45 -20.20 -10.22
C1 GOL H . 12.87 -25.27 -1.45
O1 GOL H . 12.59 -25.43 -0.09
C2 GOL H . 11.67 -25.70 -2.19
O2 GOL H . 11.14 -24.53 -2.81
C3 GOL H . 11.95 -26.82 -3.19
O3 GOL H . 11.64 -26.38 -4.56
C1 GOL I . 9.67 -32.83 0.10
O1 GOL I . 10.52 -31.71 -0.12
C2 GOL I . 8.77 -32.34 1.18
O2 GOL I . 8.13 -31.24 0.59
C3 GOL I . 7.78 -33.40 1.78
O3 GOL I . 7.92 -34.69 1.20
C1 GOL J . 19.91 -16.17 11.57
O1 GOL J . 20.20 -17.42 10.97
C2 GOL J . 18.39 -16.01 11.58
O2 GOL J . 18.02 -14.82 12.26
C3 GOL J . 17.87 -15.89 10.16
O3 GOL J . 16.60 -15.29 10.27
C1 GOL K . -0.84 -24.47 -11.62
O1 GOL K . -1.44 -24.21 -12.87
C2 GOL K . -0.69 -25.97 -11.45
O2 GOL K . 0.16 -26.51 -12.49
C3 GOL K . -2.08 -26.55 -11.44
O3 GOL K . -2.05 -27.97 -11.67
MG MG L . 5.46 -13.74 5.75
MG MG M . 6.15 -13.27 9.84
C ACT N . 20.12 -4.81 4.34
O ACT N . 20.84 -5.34 3.43
OXT ACT N . 19.69 -5.46 5.32
CH3 ACT N . 19.77 -3.36 4.22
C1 GOL O . -15.25 20.51 -0.34
O1 GOL O . -16.01 19.32 -0.15
C2 GOL O . -16.07 21.59 0.33
O2 GOL O . -15.53 21.92 1.60
C3 GOL O . -16.14 22.83 -0.50
O3 GOL O . -17.16 22.72 -1.47
C1 GOL P . -21.63 26.33 -3.66
O1 GOL P . -21.26 27.61 -4.21
C2 GOL P . -22.64 26.55 -2.55
O2 GOL P . -22.15 27.54 -1.63
C3 GOL P . -22.86 25.22 -1.87
O3 GOL P . -21.63 24.80 -1.27
MG MG Q . -0.98 14.91 -1.09
MG MG R . 0.61 12.51 1.88
C ACT S . -22.66 17.22 -12.83
O ACT S . -22.20 16.60 -13.82
OXT ACT S . -23.48 16.70 -12.03
CH3 ACT S . -22.22 18.65 -12.64
C ACT T . -16.37 25.78 5.01
O ACT T . -15.14 25.98 5.22
OXT ACT T . -16.89 24.65 5.12
CH3 ACT T . -17.27 26.90 4.59
#